data_2P3C
#
_entry.id   2P3C
#
_cell.length_a   61.425
_cell.length_b   61.425
_cell.length_c   80.892
_cell.angle_alpha   90.00
_cell.angle_beta   90.00
_cell.angle_gamma   120.00
#
_symmetry.space_group_name_H-M   'P 61'
#
loop_
_entity.id
_entity.type
_entity.pdbx_description
1 polymer protease
2 non-polymer 'benzyl [(1S,4S,7S,8R,9R,10S,13S,16S)-7,10-dibenzyl-8,9-dihydroxy-1,16-dimethyl-4,13-bis(1-methylethyl)-2,5,12,15,18-pentaoxo-20-phenyl-19-oxa-3,6,11,14,17-pentaazaicos-1-yl]carbamate'
3 non-polymer 'ACETIC ACID'
4 water water
#
_entity_poly.entity_id   1
_entity_poly.type   'polypeptide(L)'
_entity_poly.pdbx_seq_one_letter_code
;PQITLWKRPLVTIKVGGQLKEALLDTGADDTVLEDIALPGKWKPKMIGGIGGFIKVKQYENVSLEI(CME)GHKAIGTVL
VGPTPVNIIGRNMLTQIGCTLNF
;
_entity_poly.pdbx_strand_id   A,B
#
# COMPACT_ATOMS: atom_id res chain seq x y z
N PRO A 1 18.53 1.91 2.95
CA PRO A 1 18.62 0.62 2.28
C PRO A 1 17.73 0.56 1.05
N GLN A 2 18.09 -0.32 0.13
CA GLN A 2 17.26 -0.63 -1.01
C GLN A 2 16.48 -1.91 -0.69
N ILE A 3 15.17 -1.78 -0.47
CA ILE A 3 14.28 -2.94 -0.23
C ILE A 3 13.65 -3.44 -1.57
N THR A 4 13.96 -4.67 -2.01
CA THR A 4 13.17 -5.30 -3.09
C THR A 4 11.78 -5.71 -2.55
N LEU A 5 10.90 -6.22 -3.41
CA LEU A 5 9.51 -6.45 -2.97
C LEU A 5 9.03 -7.90 -3.14
N TRP A 6 9.99 -8.82 -3.07
CA TRP A 6 9.69 -10.24 -3.15
C TRP A 6 8.92 -10.66 -1.92
N LYS A 7 9.20 -10.00 -0.81
N LYS A 7 9.28 -10.05 -0.79
CA LYS A 7 8.32 -10.14 0.33
CA LYS A 7 8.59 -10.30 0.45
C LYS A 7 7.76 -8.81 0.73
C LYS A 7 8.01 -8.97 0.91
N ARG A 8 6.76 -8.84 1.61
N ARG A 8 6.98 -9.02 1.76
CA ARG A 8 6.29 -7.67 2.29
CA ARG A 8 6.42 -7.79 2.28
C ARG A 8 7.47 -6.87 2.82
C ARG A 8 7.53 -6.88 2.81
N PRO A 9 7.47 -5.58 2.49
CA PRO A 9 8.47 -4.65 2.99
C PRO A 9 8.19 -4.28 4.46
N LEU A 10 8.39 -5.24 5.34
CA LEU A 10 8.25 -5.02 6.77
C LEU A 10 9.53 -4.47 7.31
N VAL A 11 9.43 -3.46 8.17
CA VAL A 11 10.61 -2.90 8.85
C VAL A 11 10.35 -2.83 10.33
N THR A 12 11.45 -2.77 11.08
CA THR A 12 11.33 -2.50 12.50
C THR A 12 11.15 -1.02 12.72
N ILE A 13 10.18 -0.70 13.57
CA ILE A 13 9.96 0.68 14.01
C ILE A 13 10.08 0.79 15.53
N LYS A 14 10.40 1.98 15.97
CA LYS A 14 10.34 2.26 17.36
C LYS A 14 9.44 3.46 17.47
N VAL A 15 8.41 3.33 18.30
CA VAL A 15 7.38 4.34 18.47
C VAL A 15 6.95 4.20 19.92
N GLY A 16 6.88 5.33 20.62
CA GLY A 16 6.50 5.40 22.04
C GLY A 16 7.22 4.47 22.98
N GLY A 17 8.49 4.20 22.73
CA GLY A 17 9.25 3.22 23.50
C GLY A 17 9.10 1.77 23.07
N GLN A 18 8.20 1.49 22.13
CA GLN A 18 7.93 0.12 21.74
C GLN A 18 8.50 -0.24 20.38
N LEU A 19 8.85 -1.50 20.25
CA LEU A 19 9.43 -2.02 19.06
C LEU A 19 8.31 -2.71 18.36
N LYS A 20 8.09 -2.33 17.11
CA LYS A 20 7.04 -2.92 16.31
C LYS A 20 7.60 -3.27 14.96
N GLU A 21 6.91 -4.15 14.27
CA GLU A 21 7.18 -4.33 12.87
C GLU A 21 6.08 -3.58 12.11
N ALA A 22 6.44 -3.01 10.96
CA ALA A 22 5.51 -2.23 10.16
C ALA A 22 5.88 -2.32 8.72
N LEU A 23 4.85 -2.14 7.90
CA LEU A 23 4.93 -2.31 6.51
C LEU A 23 5.12 -0.93 5.88
N LEU A 24 6.19 -0.80 5.10
CA LEU A 24 6.43 0.38 4.28
C LEU A 24 5.43 0.36 3.14
N ASP A 25 4.48 1.28 3.20
CA ASP A 25 3.30 1.15 2.39
C ASP A 25 3.08 2.40 1.53
N THR A 26 3.55 2.33 0.29
CA THR A 26 3.43 3.47 -0.63
C THR A 26 2.00 3.75 -1.02
N GLY A 27 1.12 2.79 -0.76
CA GLY A 27 -0.30 2.91 -1.00
C GLY A 27 -1.07 3.50 0.17
N ALA A 28 -0.35 3.90 1.22
CA ALA A 28 -0.99 4.50 2.37
C ALA A 28 -0.62 5.97 2.47
N ASP A 29 -1.63 6.83 2.46
CA ASP A 29 -1.40 8.26 2.66
C ASP A 29 -0.85 8.41 4.06
N ASP A 30 -1.41 7.62 4.98
CA ASP A 30 -1.22 7.80 6.42
C ASP A 30 -0.53 6.62 7.09
N THR A 31 0.05 6.89 8.24
CA THR A 31 0.67 5.87 9.03
C THR A 31 -0.30 5.40 10.07
N VAL A 32 -0.49 4.08 10.12
CA VAL A 32 -1.51 3.50 10.99
C VAL A 32 -0.95 2.35 11.81
N LEU A 33 -1.07 2.47 13.12
CA LEU A 33 -0.52 1.46 14.02
C LEU A 33 -1.64 0.82 14.84
N GLU A 34 -1.48 -0.48 15.10
N GLU A 34 -1.51 -0.48 15.13
CA GLU A 34 -2.32 -1.24 16.02
CA GLU A 34 -2.42 -1.17 16.06
C GLU A 34 -1.58 -1.45 17.34
C GLU A 34 -1.66 -1.71 17.26
N ASP A 35 -2.33 -1.75 18.40
CA ASP A 35 -1.71 -2.32 19.60
C ASP A 35 -0.51 -1.53 20.08
N ILE A 36 -0.61 -0.21 20.05
CA ILE A 36 0.34 0.65 20.73
C ILE A 36 -0.39 1.56 21.70
N ALA A 37 0.14 1.64 22.91
CA ALA A 37 -0.22 2.70 23.82
C ALA A 37 0.46 3.96 23.27
N LEU A 38 -0.34 4.91 22.78
CA LEU A 38 0.18 6.26 22.48
C LEU A 38 -0.36 7.26 23.48
N PRO A 39 0.54 8.01 24.13
CA PRO A 39 0.14 8.92 25.19
C PRO A 39 -0.44 10.24 24.67
N GLY A 40 -1.30 10.87 25.46
CA GLY A 40 -1.80 12.21 25.16
C GLY A 40 -3.08 12.31 24.36
N LYS A 41 -3.42 13.54 23.98
CA LYS A 41 -4.61 13.86 23.19
C LYS A 41 -4.52 13.43 21.71
N TRP A 42 -5.69 13.39 21.07
CA TRP A 42 -5.88 12.94 19.69
C TRP A 42 -7.21 13.46 19.16
N LYS A 43 -7.48 13.23 17.87
CA LYS A 43 -8.73 13.63 17.25
C LYS A 43 -9.30 12.45 16.47
N PRO A 44 -10.63 12.30 16.46
CA PRO A 44 -11.26 11.16 15.77
C PRO A 44 -11.06 11.26 14.25
N LYS A 45 -10.81 10.12 13.60
CA LYS A 45 -10.53 10.10 12.17
C LYS A 45 -11.00 8.80 11.55
N MET A 46 -11.31 8.84 10.25
CA MET A 46 -11.70 7.64 9.53
C MET A 46 -10.70 7.45 8.40
N ILE A 47 -10.21 6.23 8.21
CA ILE A 47 -9.47 5.92 6.99
C ILE A 47 -10.16 4.80 6.22
N GLY A 48 -10.12 4.90 4.90
CA GLY A 48 -10.70 3.88 4.06
C GLY A 48 -9.65 3.02 3.42
N GLY A 49 -10.04 1.80 3.13
CA GLY A 49 -9.20 0.87 2.40
C GLY A 49 -10.05 -0.02 1.56
N ILE A 50 -9.52 -1.18 1.22
CA ILE A 50 -10.28 -2.20 0.52
C ILE A 50 -11.34 -2.67 1.53
N GLY A 51 -12.56 -2.92 1.08
CA GLY A 51 -13.60 -3.44 1.98
C GLY A 51 -14.20 -2.52 3.03
N GLY A 52 -13.73 -1.27 3.12
CA GLY A 52 -14.37 -0.29 4.01
C GLY A 52 -13.52 0.69 4.79
N PHE A 53 -14.11 1.24 5.87
N PHE A 53 -14.10 1.18 5.89
CA PHE A 53 -13.51 2.32 6.66
CA PHE A 53 -13.47 2.18 6.71
C PHE A 53 -13.34 1.94 8.15
C PHE A 53 -13.16 1.65 8.10
N ILE A 54 -12.18 2.28 8.74
CA ILE A 54 -11.99 2.10 10.18
C ILE A 54 -11.90 3.46 10.86
N LYS A 55 -12.33 3.50 12.11
CA LYS A 55 -12.19 4.67 12.93
C LYS A 55 -10.80 4.56 13.49
N VAL A 56 -10.12 5.68 13.56
CA VAL A 56 -8.79 5.70 14.11
C VAL A 56 -8.65 6.89 15.05
N LYS A 57 -7.65 6.84 15.90
N LYS A 57 -7.64 6.84 15.88
CA LYS A 57 -7.28 7.95 16.74
CA LYS A 57 -7.28 7.96 16.73
C LYS A 57 -6.07 8.63 16.08
C LYS A 57 -6.07 8.63 16.08
N GLN A 58 -6.23 9.90 15.77
CA GLN A 58 -5.16 10.67 15.19
C GLN A 58 -4.27 11.35 16.21
N TYR A 59 -3.00 10.97 16.23
CA TYR A 59 -2.01 11.59 17.08
C TYR A 59 -1.04 12.40 16.22
N GLU A 60 -0.86 13.66 16.60
CA GLU A 60 0.03 14.54 15.89
C GLU A 60 1.41 14.56 16.53
N ASN A 61 2.41 14.99 15.78
CA ASN A 61 3.77 15.11 16.29
C ASN A 61 4.22 13.90 17.10
N VAL A 62 3.98 12.70 16.56
CA VAL A 62 4.46 11.46 17.16
C VAL A 62 5.83 11.11 16.61
N SER A 63 6.72 10.74 17.51
CA SER A 63 8.08 10.39 17.16
C SER A 63 8.17 8.91 16.78
N LEU A 64 8.79 8.65 15.63
CA LEU A 64 8.87 7.31 15.03
C LEU A 64 10.30 7.04 14.57
N GLU A 65 10.84 5.90 14.92
CA GLU A 65 12.10 5.51 14.31
C GLU A 65 11.81 4.35 13.41
N ILE A 66 11.94 4.57 12.12
CA ILE A 66 11.57 3.59 11.12
C ILE A 66 12.87 3.16 10.48
N GLY A 68 15.83 2.84 11.76
CA GLY A 68 16.90 3.77 12.14
C GLY A 68 16.76 5.18 11.61
N HIS A 69 15.63 5.48 10.98
CA HIS A 69 15.38 6.82 10.49
C HIS A 69 14.27 7.43 11.31
N LYS A 70 14.60 8.54 11.96
CA LYS A 70 13.66 9.27 12.78
C LYS A 70 12.76 10.11 11.92
N ALA A 71 11.46 10.06 12.24
CA ALA A 71 10.45 10.88 11.61
C ALA A 71 9.55 11.38 12.73
N ILE A 72 8.90 12.51 12.51
CA ILE A 72 7.91 13.02 13.46
C ILE A 72 6.70 13.37 12.65
N GLY A 73 5.56 12.90 13.10
CA GLY A 73 4.38 13.26 12.39
C GLY A 73 3.14 12.55 12.87
N THR A 74 2.14 12.57 11.99
CA THR A 74 0.84 12.07 12.36
C THR A 74 0.85 10.57 12.30
N VAL A 75 0.38 9.99 13.40
CA VAL A 75 0.25 8.55 13.50
C VAL A 75 -1.16 8.26 13.90
N LEU A 76 -1.82 7.45 13.10
CA LEU A 76 -3.17 7.01 13.41
C LEU A 76 -3.07 5.71 14.18
N VAL A 77 -3.91 5.57 15.16
CA VAL A 77 -3.95 4.35 15.96
C VAL A 77 -5.34 3.81 15.78
N GLY A 78 -5.45 2.57 15.35
CA GLY A 78 -6.75 2.00 15.16
C GLY A 78 -6.61 0.55 14.81
N PRO A 79 -7.72 -0.10 14.47
CA PRO A 79 -7.73 -1.55 14.39
C PRO A 79 -7.33 -2.05 13.01
N THR A 80 -6.17 -1.60 12.56
CA THR A 80 -5.56 -2.18 11.38
C THR A 80 -4.88 -3.49 11.80
N PRO A 81 -4.93 -4.51 10.96
CA PRO A 81 -4.25 -5.78 11.25
C PRO A 81 -2.76 -5.80 10.93
N VAL A 82 -2.27 -4.73 10.29
CA VAL A 82 -0.90 -4.58 9.91
C VAL A 82 -0.52 -3.14 10.25
N ASN A 83 0.63 -2.96 10.92
CA ASN A 83 1.17 -1.63 11.11
C ASN A 83 1.59 -1.08 9.75
N ILE A 84 1.08 0.09 9.45
CA ILE A 84 1.34 0.72 8.16
C ILE A 84 2.17 1.95 8.32
N ILE A 85 3.27 2.01 7.58
CA ILE A 85 3.99 3.27 7.41
C ILE A 85 3.62 3.88 6.09
N GLY A 86 2.93 5.00 6.17
CA GLY A 86 2.37 5.64 5.00
C GLY A 86 3.29 6.74 4.58
N ARG A 87 2.88 7.43 3.53
CA ARG A 87 3.74 8.38 2.83
C ARG A 87 4.15 9.57 3.67
N ASN A 88 3.26 10.00 4.57
CA ASN A 88 3.56 11.07 5.50
C ASN A 88 4.89 10.79 6.21
N MET A 89 5.14 9.52 6.52
CA MET A 89 6.38 9.13 7.17
C MET A 89 7.47 8.70 6.22
N LEU A 90 7.07 8.05 5.13
CA LEU A 90 8.02 7.57 4.13
C LEU A 90 8.79 8.73 3.48
N THR A 91 8.09 9.82 3.22
CA THR A 91 8.77 11.05 2.74
C THR A 91 9.78 11.54 3.75
N GLN A 92 9.43 11.50 5.04
CA GLN A 92 10.37 12.01 6.06
C GLN A 92 11.64 11.18 6.18
N ILE A 93 11.59 9.94 5.75
CA ILE A 93 12.79 9.12 5.84
C ILE A 93 13.54 9.03 4.52
N GLY A 94 13.05 9.75 3.51
CA GLY A 94 13.72 9.85 2.22
C GLY A 94 13.38 8.68 1.31
N CYS A 95 12.28 8.01 1.60
CA CYS A 95 11.93 6.80 0.90
C CYS A 95 11.37 7.03 -0.51
N THR A 96 11.90 6.30 -1.49
CA THR A 96 11.44 6.44 -2.87
C THR A 96 11.16 5.07 -3.46
N LEU A 97 10.31 5.02 -4.49
CA LEU A 97 10.17 3.80 -5.29
C LEU A 97 11.07 3.84 -6.51
N ASN A 98 11.64 2.70 -6.87
CA ASN A 98 12.57 2.73 -7.97
C ASN A 98 12.41 1.54 -8.85
N PHE A 99 12.42 1.76 -10.17
CA PHE A 99 12.40 0.66 -11.13
C PHE A 99 12.94 1.09 -12.49
N PRO B 1 12.32 4.66 -13.30
CA PRO B 1 12.32 5.97 -12.66
C PRO B 1 12.42 5.87 -11.15
N GLN B 2 12.84 6.95 -10.52
CA GLN B 2 12.83 7.05 -9.08
C GLN B 2 11.62 7.91 -8.70
N ILE B 3 10.60 7.30 -8.09
CA ILE B 3 9.38 8.01 -7.65
C ILE B 3 9.52 8.41 -6.16
N THR B 4 9.56 9.72 -5.86
CA THR B 4 9.40 10.14 -4.43
C THR B 4 7.94 9.94 -3.98
N LEU B 5 7.63 10.20 -2.72
CA LEU B 5 6.30 9.83 -2.20
C LEU B 5 5.50 11.00 -1.61
N TRP B 6 5.86 12.20 -2.07
CA TRP B 6 5.13 13.41 -1.71
C TRP B 6 3.70 13.35 -2.18
N LYS B 7 3.46 12.71 -3.32
N LYS B 7 3.50 12.79 -3.36
CA LYS B 7 2.11 12.37 -3.69
CA LYS B 7 2.17 12.59 -3.92
C LYS B 7 1.98 10.88 -3.90
C LYS B 7 1.97 11.09 -4.02
N ARG B 8 0.73 10.42 -3.94
N ARG B 8 0.73 10.66 -4.22
CA ARG B 8 0.41 9.09 -4.39
CA ARG B 8 0.47 9.25 -4.45
C ARG B 8 1.25 8.72 -5.61
C ARG B 8 1.29 8.76 -5.64
N PRO B 9 1.94 7.59 -5.51
CA PRO B 9 2.71 7.03 -6.61
C PRO B 9 1.80 6.35 -7.65
N LEU B 10 1.01 7.18 -8.32
CA LEU B 10 0.15 6.75 -9.40
C LEU B 10 0.94 6.66 -10.68
N VAL B 11 0.76 5.58 -11.43
CA VAL B 11 1.39 5.43 -12.72
C VAL B 11 0.34 5.11 -13.74
N THR B 12 0.68 5.39 -15.00
CA THR B 12 -0.11 4.90 -16.11
C THR B 12 0.19 3.46 -16.40
N ILE B 13 -0.88 2.70 -16.59
CA ILE B 13 -0.79 1.31 -16.95
C ILE B 13 -1.56 1.06 -18.22
N LYS B 14 -1.11 0.08 -18.99
N LYS B 14 -1.14 0.05 -18.97
CA LYS B 14 -1.91 -0.47 -20.04
CA LYS B 14 -1.91 -0.46 -20.09
C LYS B 14 -2.22 -1.91 -19.62
C LYS B 14 -2.20 -1.94 -19.81
N VAL B 15 -3.49 -2.27 -19.75
CA VAL B 15 -3.97 -3.62 -19.41
C VAL B 15 -5.20 -3.86 -20.29
N GLY B 16 -5.23 -5.03 -20.93
CA GLY B 16 -6.29 -5.41 -21.86
C GLY B 16 -6.69 -4.38 -22.89
N GLY B 17 -5.73 -3.63 -23.40
CA GLY B 17 -6.02 -2.56 -24.36
C GLY B 17 -6.38 -1.20 -23.77
N GLN B 18 -6.54 -1.14 -22.45
CA GLN B 18 -7.04 0.07 -21.79
C GLN B 18 -5.96 0.76 -21.01
N LEU B 19 -6.14 2.07 -20.89
CA LEU B 19 -5.19 2.90 -20.26
C LEU B 19 -5.83 3.23 -18.97
N LYS B 20 -5.11 2.94 -17.89
CA LYS B 20 -5.59 3.22 -16.55
C LYS B 20 -4.50 3.92 -15.77
N GLU B 21 -4.90 4.57 -14.70
CA GLU B 21 -3.96 5.02 -13.71
C GLU B 21 -4.04 4.03 -12.56
N ALA B 22 -2.90 3.72 -11.97
CA ALA B 22 -2.82 2.80 -10.86
C ALA B 22 -1.74 3.22 -9.90
N LEU B 23 -1.88 2.73 -8.69
CA LEU B 23 -1.06 3.11 -7.59
C LEU B 23 -0.05 2.00 -7.34
N LEU B 24 1.23 2.36 -7.37
CA LEU B 24 2.31 1.45 -7.02
C LEU B 24 2.25 1.27 -5.52
N ASP B 25 1.82 0.08 -5.11
CA ASP B 25 1.43 -0.14 -3.73
C ASP B 25 2.26 -1.27 -3.10
N THR B 26 3.32 -0.88 -2.40
CA THR B 26 4.19 -1.85 -1.73
C THR B 26 3.49 -2.59 -0.60
N GLY B 27 2.37 -2.05 -0.12
CA GLY B 27 1.52 -2.69 0.88
C GLY B 27 0.47 -3.62 0.31
N ALA B 28 0.52 -3.90 -0.99
CA ALA B 28 -0.42 -4.81 -1.64
C ALA B 28 0.35 -6.02 -2.10
N ASP B 29 -0.02 -7.19 -1.59
CA ASP B 29 0.52 -8.45 -2.11
C ASP B 29 0.14 -8.54 -3.58
N ASP B 30 -1.10 -8.15 -3.88
CA ASP B 30 -1.74 -8.44 -5.14
C ASP B 30 -2.08 -7.17 -5.92
N THR B 31 -2.30 -7.35 -7.22
CA THR B 31 -2.63 -6.26 -8.08
C THR B 31 -4.10 -6.29 -8.31
N VAL B 32 -4.78 -5.21 -7.97
CA VAL B 32 -6.26 -5.18 -8.05
C VAL B 32 -6.76 -4.03 -8.89
N LEU B 33 -7.57 -4.33 -9.90
CA LEU B 33 -8.06 -3.31 -10.81
C LEU B 33 -9.57 -3.23 -10.74
N GLU B 34 -10.07 -2.00 -10.87
N GLU B 34 -10.11 -2.02 -10.87
CA GLU B 34 -11.51 -1.74 -10.99
CA GLU B 34 -11.57 -1.84 -10.98
C GLU B 34 -11.85 -1.43 -12.45
C GLU B 34 -11.94 -1.23 -12.33
N ASP B 35 -13.13 -1.57 -12.80
CA ASP B 35 -13.64 -1.04 -14.07
C ASP B 35 -12.71 -1.32 -15.25
N ILE B 36 -12.28 -2.58 -15.34
CA ILE B 36 -11.66 -3.12 -16.54
C ILE B 36 -12.42 -4.35 -17.01
N ALA B 37 -12.73 -4.36 -18.30
CA ALA B 37 -13.14 -5.58 -18.97
C ALA B 37 -11.88 -6.44 -19.07
N LEU B 38 -11.82 -7.54 -18.31
CA LEU B 38 -10.79 -8.56 -18.55
C LEU B 38 -11.39 -9.82 -19.17
N PRO B 39 -10.85 -10.23 -20.32
CA PRO B 39 -11.39 -11.36 -21.06
C PRO B 39 -11.05 -12.73 -20.46
N GLY B 40 -11.94 -13.72 -20.65
CA GLY B 40 -11.66 -15.12 -20.28
C GLY B 40 -12.05 -15.57 -18.88
N LYS B 41 -11.59 -16.77 -18.53
CA LYS B 41 -11.85 -17.40 -17.24
C LYS B 41 -11.08 -16.78 -16.04
N TRP B 42 -11.55 -17.11 -14.84
CA TRP B 42 -11.04 -16.58 -13.59
C TRP B 42 -11.49 -17.48 -12.43
N LYS B 43 -11.00 -17.20 -11.22
CA LYS B 43 -11.40 -17.94 -10.04
C LYS B 43 -11.80 -16.96 -8.95
N PRO B 44 -12.78 -17.31 -8.10
CA PRO B 44 -13.25 -16.37 -7.07
C PRO B 44 -12.18 -16.20 -5.97
N LYS B 45 -12.04 -14.98 -5.48
CA LYS B 45 -11.00 -14.68 -4.52
C LYS B 45 -11.44 -13.57 -3.58
N MET B 46 -10.84 -13.54 -2.39
CA MET B 46 -11.13 -12.51 -1.41
C MET B 46 -9.84 -11.79 -1.04
N ILE B 47 -9.84 -10.47 -1.08
CA ILE B 47 -8.71 -9.72 -0.52
C ILE B 47 -9.12 -8.89 0.66
N GLY B 48 -8.24 -8.76 1.64
CA GLY B 48 -8.54 -7.97 2.80
C GLY B 48 -7.73 -6.71 2.83
N GLY B 49 -8.31 -5.68 3.42
CA GLY B 49 -7.61 -4.44 3.64
C GLY B 49 -8.11 -3.81 4.92
N ILE B 50 -7.91 -2.50 5.04
CA ILE B 50 -8.42 -1.78 6.18
C ILE B 50 -9.96 -1.83 6.05
N GLY B 51 -10.66 -2.03 7.16
CA GLY B 51 -12.13 -2.04 7.12
C GLY B 51 -12.86 -3.25 6.52
N GLY B 52 -12.12 -4.25 6.02
CA GLY B 52 -12.76 -5.48 5.58
C GLY B 52 -12.24 -6.18 4.33
N PHE B 53 -13.12 -6.97 3.73
N PHE B 53 -13.09 -7.02 3.74
CA PHE B 53 -12.76 -7.75 2.57
CA PHE B 53 -12.74 -7.91 2.62
C PHE B 53 -13.57 -7.36 1.35
C PHE B 53 -13.64 -7.68 1.39
N ILE B 54 -13.04 -7.68 0.18
CA ILE B 54 -13.82 -7.62 -1.05
C ILE B 54 -13.64 -8.92 -1.80
N LYS B 55 -14.66 -9.26 -2.57
CA LYS B 55 -14.58 -10.38 -3.46
C LYS B 55 -13.96 -9.83 -4.72
N VAL B 56 -13.05 -10.60 -5.29
CA VAL B 56 -12.45 -10.23 -6.55
C VAL B 56 -12.51 -11.41 -7.50
N LYS B 57 -12.32 -11.11 -8.79
CA LYS B 57 -12.13 -12.13 -9.80
C LYS B 57 -10.64 -12.23 -9.99
N GLN B 58 -10.12 -13.43 -9.87
CA GLN B 58 -8.73 -13.64 -10.13
C GLN B 58 -8.43 -14.09 -11.56
N TYR B 59 -7.67 -13.26 -12.27
CA TYR B 59 -7.19 -13.56 -13.62
C TYR B 59 -5.69 -13.85 -13.62
N GLU B 60 -5.35 -15.02 -14.17
CA GLU B 60 -3.98 -15.46 -14.26
C GLU B 60 -3.38 -14.99 -15.57
N ASN B 61 -2.06 -14.94 -15.63
CA ASN B 61 -1.33 -14.61 -16.86
C ASN B 61 -1.89 -13.42 -17.63
N VAL B 62 -2.19 -12.35 -16.91
CA VAL B 62 -2.65 -11.08 -17.53
C VAL B 62 -1.46 -10.20 -17.85
N SER B 63 -1.44 -9.68 -19.08
N SER B 63 -1.44 -9.67 -19.07
CA SER B 63 -0.41 -8.77 -19.55
CA SER B 63 -0.38 -8.78 -19.51
C SER B 63 -0.68 -7.35 -19.04
C SER B 63 -0.66 -7.35 -19.08
N LEU B 64 0.35 -6.73 -18.48
CA LEU B 64 0.26 -5.37 -17.90
C LEU B 64 1.46 -4.55 -18.33
N GLU B 65 1.24 -3.36 -18.87
CA GLU B 65 2.32 -2.43 -19.04
C GLU B 65 2.19 -1.37 -17.98
N ILE B 66 3.12 -1.39 -17.04
CA ILE B 66 3.12 -0.47 -15.91
C ILE B 66 4.27 0.48 -16.14
N GLY B 68 5.55 1.70 -18.83
CA GLY B 68 6.44 1.21 -19.88
C GLY B 68 7.14 -0.10 -19.58
N HIS B 69 6.83 -0.72 -18.45
CA HIS B 69 7.44 -1.98 -18.08
C HIS B 69 6.39 -3.06 -18.17
N LYS B 70 6.67 -4.06 -19.00
CA LYS B 70 5.76 -5.18 -19.18
C LYS B 70 5.90 -6.16 -18.04
N ALA B 71 4.77 -6.62 -17.56
CA ALA B 71 4.72 -7.66 -16.54
C ALA B 71 3.60 -8.59 -16.97
N ILE B 72 3.67 -9.84 -16.56
CA ILE B 72 2.57 -10.78 -16.79
C ILE B 72 2.35 -11.44 -15.47
N GLY B 73 1.10 -11.46 -15.05
CA GLY B 73 0.81 -12.07 -13.80
C GLY B 73 -0.63 -12.02 -13.41
N THR B 74 -0.85 -12.35 -12.15
CA THR B 74 -2.19 -12.40 -11.61
C THR B 74 -2.68 -10.99 -11.39
N VAL B 75 -3.87 -10.75 -11.92
CA VAL B 75 -4.54 -9.49 -11.73
C VAL B 75 -5.89 -9.83 -11.16
N LEU B 76 -6.21 -9.20 -10.05
CA LEU B 76 -7.54 -9.31 -9.47
C LEU B 76 -8.41 -8.16 -9.98
N VAL B 77 -9.66 -8.47 -10.26
CA VAL B 77 -10.58 -7.45 -10.71
C VAL B 77 -11.69 -7.45 -9.69
N GLY B 78 -11.96 -6.30 -9.10
CA GLY B 78 -12.99 -6.22 -8.10
C GLY B 78 -13.24 -4.79 -7.68
N PRO B 79 -14.11 -4.57 -6.70
CA PRO B 79 -14.59 -3.22 -6.46
C PRO B 79 -13.66 -2.44 -5.55
N THR B 80 -12.40 -2.35 -5.94
CA THR B 80 -11.47 -1.45 -5.29
C THR B 80 -11.68 -0.04 -5.85
N PRO B 81 -11.58 0.99 -5.03
CA PRO B 81 -11.75 2.36 -5.50
C PRO B 81 -10.48 2.98 -6.12
N VAL B 82 -9.39 2.24 -6.05
CA VAL B 82 -8.11 2.64 -6.56
C VAL B 82 -7.53 1.41 -7.25
N ASN B 83 -7.05 1.57 -8.48
CA ASN B 83 -6.31 0.52 -9.14
C ASN B 83 -4.99 0.34 -8.40
N ILE B 84 -4.73 -0.88 -8.00
CA ILE B 84 -3.55 -1.19 -7.20
C ILE B 84 -2.58 -2.05 -7.96
N ILE B 85 -1.33 -1.60 -8.04
CA ILE B 85 -0.26 -2.47 -8.47
C ILE B 85 0.46 -3.00 -7.26
N GLY B 86 0.35 -4.31 -7.05
CA GLY B 86 0.87 -4.93 -5.85
C GLY B 86 2.19 -5.57 -6.19
N ARG B 87 2.77 -6.23 -5.19
CA ARG B 87 4.13 -6.68 -5.28
C ARG B 87 4.36 -7.74 -6.35
N ASN B 88 3.37 -8.59 -6.59
CA ASN B 88 3.47 -9.59 -7.66
C ASN B 88 3.88 -8.94 -8.98
N MET B 89 3.37 -7.73 -9.24
CA MET B 89 3.78 -6.96 -10.45
C MET B 89 4.96 -6.02 -10.27
N LEU B 90 5.10 -5.47 -9.06
CA LEU B 90 6.21 -4.55 -8.75
C LEU B 90 7.55 -5.26 -8.80
N THR B 91 7.60 -6.47 -8.30
CA THR B 91 8.78 -7.29 -8.49
C THR B 91 9.11 -7.49 -9.98
N GLN B 92 8.09 -7.77 -10.80
CA GLN B 92 8.35 -8.03 -12.23
C GLN B 92 8.92 -6.82 -12.97
N ILE B 93 8.63 -5.62 -12.50
CA ILE B 93 9.15 -4.44 -13.16
C ILE B 93 10.42 -3.92 -12.47
N GLY B 94 10.93 -4.69 -11.49
CA GLY B 94 12.20 -4.37 -10.84
C GLY B 94 12.10 -3.27 -9.81
N CYS B 95 10.86 -3.01 -9.34
CA CYS B 95 10.59 -1.92 -8.43
C CYS B 95 11.09 -2.20 -6.99
N THR B 96 11.82 -1.24 -6.43
CA THR B 96 12.34 -1.37 -5.06
C THR B 96 11.97 -0.13 -4.25
N LEU B 97 11.99 -0.23 -2.92
CA LEU B 97 11.89 0.94 -2.06
C LEU B 97 13.27 1.37 -1.60
N ASN B 98 13.49 2.67 -1.49
CA ASN B 98 14.83 3.13 -1.18
C ASN B 98 14.83 4.30 -0.24
N PHE B 99 15.67 4.25 0.79
CA PHE B 99 15.84 5.39 1.70
C PHE B 99 17.19 5.36 2.41
#